data_7CJ7
#
_entry.id   7CJ7
#
_cell.length_a   46.056
_cell.length_b   81.777
_cell.length_c   140.033
_cell.angle_alpha   90.000
_cell.angle_beta   90.000
_cell.angle_gamma   90.000
#
_symmetry.space_group_name_H-M   'P 21 21 21'
#
loop_
_entity.id
_entity.type
_entity.pdbx_description
1 polymer Epimerase
2 non-polymer L-sorbose
3 non-polymer 'MANGANESE (II) ION'
4 non-polymer 'MAGNESIUM ION'
5 non-polymer (2R,3R,4R,5S)-2-(hydroxymethyl)oxane-2,3,4,5-tetrol
6 non-polymer L-tagatose
7 water water
#
_entity_poly.entity_id   1
_entity_poly.type   'polypeptide(L)'
_entity_poly.pdbx_seq_one_letter_code
;MAFPKRLEYGGHALVWSGDWSAAGARKAIAGAARAGYDYIEIALLDPWQIDVALTKDLLQEYNLRAHASLGLSAATDVTS
TDPAIVAKGDELLRKATDVLYALGGSELCGVIYCALGKYPGPASRENRANSVAAMQRLADYAADKGINIDLEVVNRYETN
IMNTGLEGLAFLDEVNRPNAFLHLDTYHMNIEENGMAKSVLAAGDRLGYVHIGESHRGYLGTGNVDFASFFAALKQIDYR
GPITFESFSSEIVDPKLSNTLCVWRNLWHDSDDLAGKALEFIKQRYGSHHHHHH
;
_entity_poly.pdbx_strand_id   A,B
#
loop_
_chem_comp.id
_chem_comp.type
_chem_comp.name
_chem_comp.formula
FZU non-polymer (2R,3R,4R,5S)-2-(hydroxymethyl)oxane-2,3,4,5-tetrol 'C6 H12 O6'
LTG L-saccharide L-tagatose 'C6 H12 O6'
MG non-polymer 'MAGNESIUM ION' 'Mg 2'
MN non-polymer 'MANGANESE (II) ION' 'Mn 2'
SOL L-saccharide L-sorbose 'C6 H12 O6'
#
# COMPACT_ATOMS: atom_id res chain seq x y z
N ALA A 2 -16.37 -17.84 -22.53
CA ALA A 2 -16.24 -18.20 -21.09
C ALA A 2 -16.13 -19.72 -20.95
N PHE A 3 -15.04 -20.19 -20.34
CA PHE A 3 -14.83 -21.62 -20.08
C PHE A 3 -15.28 -21.89 -18.66
N PRO A 4 -15.67 -23.14 -18.36
CA PRO A 4 -16.27 -23.46 -17.07
C PRO A 4 -15.40 -23.04 -15.87
N LYS A 5 -16.06 -22.49 -14.86
CA LYS A 5 -15.47 -22.18 -13.54
C LYS A 5 -16.20 -23.02 -12.49
N ARG A 6 -15.47 -23.45 -11.46
CA ARG A 6 -16.11 -24.13 -10.31
C ARG A 6 -15.60 -23.46 -9.05
N LEU A 7 -16.40 -23.53 -7.98
CA LEU A 7 -15.94 -23.14 -6.63
C LEU A 7 -14.86 -24.13 -6.21
N GLU A 8 -13.62 -23.65 -6.03
CA GLU A 8 -12.49 -24.51 -5.61
C GLU A 8 -11.52 -23.63 -4.84
N TYR A 9 -10.78 -24.23 -3.91
CA TYR A 9 -9.88 -23.52 -2.98
C TYR A 9 -8.43 -23.87 -3.30
N GLY A 10 -7.60 -22.84 -3.33
CA GLY A 10 -6.20 -22.97 -3.74
C GLY A 10 -5.27 -22.21 -2.84
N GLY A 11 -3.99 -22.61 -2.88
CA GLY A 11 -2.89 -21.92 -2.19
C GLY A 11 -1.90 -21.38 -3.19
N HIS A 12 -1.45 -20.14 -2.99
CA HIS A 12 -0.38 -19.52 -3.81
C HIS A 12 0.93 -20.22 -3.49
N ALA A 13 1.77 -20.46 -4.51
CA ALA A 13 3.03 -21.22 -4.39
C ALA A 13 3.92 -20.63 -3.29
N LEU A 14 3.91 -19.30 -3.12
CA LEU A 14 4.85 -18.57 -2.22
C LEU A 14 4.52 -18.84 -0.75
N VAL A 15 3.43 -19.55 -0.49
CA VAL A 15 3.12 -20.03 0.89
C VAL A 15 4.15 -21.08 1.26
N TRP A 16 4.72 -21.77 0.25
CA TRP A 16 5.57 -22.97 0.47
C TRP A 16 6.98 -22.79 -0.12
N SER A 17 7.11 -22.23 -1.31
CA SER A 17 8.39 -22.21 -2.09
C SER A 17 8.62 -20.86 -2.76
N GLY A 18 9.84 -20.35 -2.69
CA GLY A 18 10.25 -19.09 -3.35
C GLY A 18 10.71 -19.31 -4.77
N ASP A 19 10.95 -20.55 -5.17
CA ASP A 19 11.40 -20.91 -6.54
C ASP A 19 10.55 -22.10 -7.00
N TRP A 20 10.49 -22.31 -8.32
CA TRP A 20 9.79 -23.48 -8.89
C TRP A 20 10.81 -24.46 -9.47
N SER A 21 11.83 -24.80 -8.69
CA SER A 21 12.78 -25.91 -8.99
C SER A 21 12.04 -27.25 -8.85
N ALA A 22 12.64 -28.35 -9.30
CA ALA A 22 12.08 -29.70 -9.10
C ALA A 22 11.67 -29.86 -7.63
N ALA A 23 12.56 -29.45 -6.72
CA ALA A 23 12.41 -29.59 -5.25
C ALA A 23 11.31 -28.64 -4.75
N GLY A 24 11.37 -27.38 -5.19
CA GLY A 24 10.40 -26.33 -4.81
C GLY A 24 9.00 -26.74 -5.21
N ALA A 25 8.86 -27.29 -6.42
CA ALA A 25 7.55 -27.71 -6.97
C ALA A 25 6.97 -28.83 -6.10
N ARG A 26 7.80 -29.82 -5.74
CA ARG A 26 7.33 -30.98 -4.96
C ARG A 26 6.92 -30.51 -3.56
N LYS A 27 7.72 -29.64 -2.96
CA LYS A 27 7.47 -29.09 -1.60
C LYS A 27 6.11 -28.38 -1.61
N ALA A 28 5.89 -27.52 -2.62
CA ALA A 28 4.68 -26.69 -2.73
C ALA A 28 3.47 -27.57 -3.01
N ILE A 29 3.59 -28.51 -3.95
CA ILE A 29 2.45 -29.37 -4.38
C ILE A 29 2.09 -30.31 -3.23
N ALA A 30 3.08 -30.93 -2.58
CA ALA A 30 2.85 -31.81 -1.41
C ALA A 30 2.21 -30.99 -0.29
N GLY A 31 2.67 -29.75 -0.09
CA GLY A 31 2.14 -28.85 0.95
C GLY A 31 0.68 -28.51 0.73
N ALA A 32 0.31 -28.05 -0.47
CA ALA A 32 -1.07 -27.71 -0.85
C ALA A 32 -1.97 -28.95 -0.72
N ALA A 33 -1.52 -30.12 -1.17
CA ALA A 33 -2.27 -31.39 -1.07
C ALA A 33 -2.49 -31.74 0.41
N ARG A 34 -1.43 -31.62 1.23
CA ARG A 34 -1.43 -31.97 2.67
C ARG A 34 -2.48 -31.12 3.41
N ALA A 35 -2.56 -29.83 3.10
CA ALA A 35 -3.47 -28.85 3.75
C ALA A 35 -4.92 -29.06 3.28
N GLY A 36 -5.16 -29.75 2.16
CA GLY A 36 -6.50 -30.09 1.66
C GLY A 36 -7.00 -29.12 0.61
N TYR A 37 -6.09 -28.35 -0.01
CA TYR A 37 -6.44 -27.47 -1.15
C TYR A 37 -6.80 -28.31 -2.37
N ASP A 38 -7.65 -27.75 -3.25
CA ASP A 38 -8.05 -28.34 -4.55
C ASP A 38 -6.98 -28.05 -5.61
N TYR A 39 -6.33 -26.90 -5.55
CA TYR A 39 -5.33 -26.51 -6.57
C TYR A 39 -4.21 -25.71 -5.93
N ILE A 40 -3.10 -25.63 -6.64
CA ILE A 40 -1.98 -24.69 -6.33
C ILE A 40 -1.97 -23.61 -7.42
N GLU A 41 -1.72 -22.38 -7.02
CA GLU A 41 -1.56 -21.26 -7.97
C GLU A 41 -0.07 -21.06 -8.18
N ILE A 42 0.41 -21.39 -9.36
CA ILE A 42 1.86 -21.28 -9.71
C ILE A 42 2.14 -19.86 -10.17
N ALA A 43 3.16 -19.22 -9.60
CA ALA A 43 3.65 -17.89 -10.00
C ALA A 43 4.56 -18.06 -11.23
N LEU A 44 4.13 -17.54 -12.38
CA LEU A 44 4.81 -17.72 -13.69
C LEU A 44 5.43 -16.40 -14.15
N LEU A 45 6.17 -15.71 -13.28
CA LEU A 45 6.86 -14.44 -13.65
C LEU A 45 7.87 -14.72 -14.77
N ASP A 46 8.50 -15.90 -14.77
CA ASP A 46 9.37 -16.37 -15.89
C ASP A 46 8.87 -17.73 -16.36
N PRO A 47 7.92 -17.79 -17.32
CA PRO A 47 7.30 -19.05 -17.68
C PRO A 47 8.23 -20.00 -18.44
N TRP A 48 9.43 -19.56 -18.81
CA TRP A 48 10.45 -20.43 -19.49
C TRP A 48 11.24 -21.23 -18.44
N GLN A 49 11.11 -20.90 -17.16
CA GLN A 49 11.95 -21.44 -16.06
C GLN A 49 11.37 -22.76 -15.55
N ILE A 50 10.10 -23.03 -15.86
CA ILE A 50 9.34 -24.14 -15.25
C ILE A 50 9.55 -25.43 -16.07
N ASP A 51 9.91 -26.53 -15.39
CA ASP A 51 9.93 -27.88 -16.01
C ASP A 51 8.49 -28.40 -16.03
N VAL A 52 7.79 -28.23 -17.15
CA VAL A 52 6.33 -28.45 -17.24
C VAL A 52 6.01 -29.93 -17.07
N ALA A 53 6.74 -30.82 -17.72
CA ALA A 53 6.49 -32.28 -17.65
C ALA A 53 6.62 -32.76 -16.20
N LEU A 54 7.64 -32.29 -15.49
CA LEU A 54 7.91 -32.69 -14.08
C LEU A 54 6.76 -32.19 -13.21
N THR A 55 6.32 -30.95 -13.43
CA THR A 55 5.21 -30.34 -12.65
C THR A 55 3.94 -31.14 -12.90
N LYS A 56 3.64 -31.45 -14.15
CA LYS A 56 2.46 -32.28 -14.52
C LYS A 56 2.49 -33.60 -13.73
N ASP A 57 3.62 -34.31 -13.70
CA ASP A 57 3.78 -35.58 -12.96
C ASP A 57 3.48 -35.37 -11.48
N LEU A 58 3.93 -34.26 -10.90
CA LEU A 58 3.71 -33.95 -9.45
C LEU A 58 2.22 -33.71 -9.21
N LEU A 59 1.57 -32.95 -10.08
CA LEU A 59 0.12 -32.68 -9.93
C LEU A 59 -0.64 -34.01 -9.92
N GLN A 60 -0.28 -34.95 -10.81
CA GLN A 60 -0.94 -36.28 -10.88
C GLN A 60 -0.65 -37.07 -9.61
N GLU A 61 0.62 -37.07 -9.19
CA GLU A 61 1.12 -37.80 -7.99
C GLU A 61 0.32 -37.40 -6.76
N TYR A 62 0.01 -36.10 -6.59
CA TYR A 62 -0.65 -35.56 -5.38
C TYR A 62 -2.13 -35.24 -5.64
N ASN A 63 -2.65 -35.59 -6.82
CA ASN A 63 -4.06 -35.37 -7.21
C ASN A 63 -4.44 -33.91 -6.97
N LEU A 64 -3.66 -33.00 -7.53
CA LEU A 64 -3.87 -31.54 -7.35
C LEU A 64 -4.08 -30.91 -8.72
N ARG A 65 -4.91 -29.88 -8.81
CA ARG A 65 -5.05 -29.06 -10.04
C ARG A 65 -4.12 -27.86 -9.92
N ALA A 66 -3.94 -27.11 -11.01
CA ALA A 66 -3.11 -25.89 -11.02
C ALA A 66 -3.81 -24.79 -11.82
N HIS A 67 -3.71 -23.57 -11.32
CA HIS A 67 -3.96 -22.33 -12.09
C HIS A 67 -2.66 -21.53 -12.04
N ALA A 68 -2.55 -20.45 -12.79
CA ALA A 68 -1.29 -19.67 -12.85
C ALA A 68 -1.61 -18.19 -12.71
N SER A 69 -0.73 -17.47 -12.03
CA SER A 69 -0.77 -16.00 -11.92
C SER A 69 0.61 -15.47 -12.31
N LEU A 70 0.68 -14.24 -12.78
CA LEU A 70 1.99 -13.58 -12.95
C LEU A 70 1.79 -12.07 -12.89
N GLY A 71 2.91 -11.37 -12.75
CA GLY A 71 3.02 -9.93 -13.03
C GLY A 71 4.03 -9.72 -14.13
N LEU A 72 3.81 -8.76 -15.01
CA LEU A 72 4.84 -8.39 -16.00
C LEU A 72 5.91 -7.54 -15.30
N SER A 73 7.00 -7.24 -15.99
CA SER A 73 8.09 -6.36 -15.50
C SER A 73 8.25 -5.22 -16.50
N ALA A 74 9.14 -4.26 -16.20
CA ALA A 74 9.44 -3.12 -17.09
C ALA A 74 9.74 -3.64 -18.50
N ALA A 75 10.46 -4.75 -18.62
CA ALA A 75 10.95 -5.28 -19.92
C ALA A 75 9.77 -5.84 -20.75
N THR A 76 8.64 -6.16 -20.11
CA THR A 76 7.49 -6.87 -20.73
C THR A 76 6.17 -6.12 -20.52
N ASP A 77 6.23 -4.82 -20.20
CA ASP A 77 5.04 -4.00 -19.83
C ASP A 77 4.18 -3.72 -21.07
N VAL A 78 3.02 -4.35 -21.18
CA VAL A 78 2.13 -4.23 -22.38
C VAL A 78 1.42 -2.87 -22.42
N THR A 79 1.58 -2.01 -21.41
CA THR A 79 1.09 -0.60 -21.41
C THR A 79 2.11 0.32 -22.11
N SER A 80 3.34 -0.14 -22.29
CA SER A 80 4.45 0.68 -22.83
C SER A 80 4.10 1.30 -24.20
N THR A 81 4.55 2.53 -24.44
CA THR A 81 4.47 3.20 -25.76
C THR A 81 5.67 2.77 -26.62
N ASP A 82 6.50 1.86 -26.11
CA ASP A 82 7.60 1.19 -26.87
C ASP A 82 7.06 -0.11 -27.42
N PRO A 83 6.77 -0.20 -28.74
CA PRO A 83 6.17 -1.40 -29.33
C PRO A 83 7.00 -2.68 -29.10
N ALA A 84 8.32 -2.56 -28.97
CA ALA A 84 9.22 -3.72 -28.76
C ALA A 84 8.96 -4.31 -27.37
N ILE A 85 8.69 -3.45 -26.39
CA ILE A 85 8.41 -3.89 -25.00
C ILE A 85 7.02 -4.56 -24.98
N VAL A 86 6.04 -3.98 -25.67
CA VAL A 86 4.69 -4.61 -25.76
C VAL A 86 4.83 -6.00 -26.38
N ALA A 87 5.61 -6.14 -27.45
CA ALA A 87 5.82 -7.42 -28.16
C ALA A 87 6.41 -8.46 -27.19
N LYS A 88 7.39 -8.06 -26.36
CA LYS A 88 7.99 -8.97 -25.34
C LYS A 88 6.92 -9.40 -24.33
N GLY A 89 6.04 -8.48 -23.93
CA GLY A 89 4.93 -8.80 -23.02
C GLY A 89 3.96 -9.78 -23.64
N ASP A 90 3.58 -9.54 -24.89
CA ASP A 90 2.66 -10.44 -25.64
C ASP A 90 3.29 -11.84 -25.65
N GLU A 91 4.60 -11.93 -25.90
CA GLU A 91 5.35 -13.21 -26.01
C GLU A 91 5.36 -13.91 -24.65
N LEU A 92 5.64 -13.20 -23.56
CA LEU A 92 5.60 -13.78 -22.20
C LEU A 92 4.18 -14.31 -21.92
N LEU A 93 3.15 -13.54 -22.24
CA LEU A 93 1.76 -13.96 -21.90
C LEU A 93 1.36 -15.19 -22.72
N ARG A 94 1.80 -15.27 -23.98
CA ARG A 94 1.54 -16.48 -24.83
C ARG A 94 2.23 -17.69 -24.17
N LYS A 95 3.47 -17.54 -23.73
CA LYS A 95 4.24 -18.66 -23.11
C LYS A 95 3.54 -19.10 -21.82
N ALA A 96 3.06 -18.14 -21.01
CA ALA A 96 2.37 -18.42 -19.74
C ALA A 96 1.08 -19.20 -20.04
N THR A 97 0.34 -18.77 -21.07
CA THR A 97 -0.89 -19.46 -21.54
C THR A 97 -0.54 -20.90 -21.93
N ASP A 98 0.55 -21.09 -22.67
CA ASP A 98 0.99 -22.41 -23.18
C ASP A 98 1.29 -23.32 -21.99
N VAL A 99 2.00 -22.80 -20.98
CA VAL A 99 2.38 -23.58 -19.78
C VAL A 99 1.10 -23.99 -19.05
N LEU A 100 0.18 -23.04 -18.87
CA LEU A 100 -1.09 -23.30 -18.15
C LEU A 100 -1.86 -24.40 -18.88
N TYR A 101 -1.99 -24.31 -20.20
CA TYR A 101 -2.69 -25.33 -21.02
C TYR A 101 -2.04 -26.70 -20.80
N ALA A 102 -0.71 -26.75 -20.80
CA ALA A 102 0.06 -28.01 -20.67
C ALA A 102 -0.18 -28.65 -19.29
N LEU A 103 -0.46 -27.83 -18.27
CA LEU A 103 -0.72 -28.31 -16.89
C LEU A 103 -2.21 -28.61 -16.68
N GLY A 104 -3.01 -28.44 -17.72
CA GLY A 104 -4.46 -28.71 -17.70
C GLY A 104 -5.23 -27.66 -16.92
N GLY A 105 -4.64 -26.48 -16.73
CA GLY A 105 -5.29 -25.37 -16.01
C GLY A 105 -6.16 -24.55 -16.93
N SER A 106 -7.08 -23.76 -16.38
CA SER A 106 -8.08 -22.99 -17.17
C SER A 106 -8.11 -21.52 -16.76
N GLU A 107 -7.28 -21.08 -15.81
CA GLU A 107 -7.29 -19.67 -15.33
C GLU A 107 -5.88 -19.10 -15.32
N LEU A 108 -5.66 -18.04 -16.11
CA LEU A 108 -4.44 -17.20 -16.04
C LEU A 108 -4.85 -15.87 -15.40
N CYS A 109 -4.32 -15.58 -14.21
CA CYS A 109 -4.79 -14.43 -13.41
C CYS A 109 -3.61 -13.60 -12.91
N GLY A 110 -3.89 -12.55 -12.16
CA GLY A 110 -2.86 -11.65 -11.63
C GLY A 110 -2.71 -10.38 -12.45
N VAL A 111 -1.56 -9.74 -12.32
CA VAL A 111 -1.29 -8.43 -12.95
C VAL A 111 -0.71 -8.70 -14.34
N ILE A 112 -1.60 -9.11 -15.25
CA ILE A 112 -1.22 -9.58 -16.62
C ILE A 112 -1.34 -8.42 -17.61
N TYR A 113 -1.81 -7.26 -17.16
CA TYR A 113 -2.19 -6.13 -18.04
C TYR A 113 -1.20 -4.95 -17.91
N CYS A 114 -0.17 -5.11 -17.07
CA CYS A 114 0.86 -4.06 -16.87
C CYS A 114 2.05 -4.63 -16.09
N ALA A 115 3.10 -3.82 -15.92
CA ALA A 115 4.24 -4.17 -15.03
C ALA A 115 3.74 -4.14 -13.59
N LEU A 116 3.98 -5.20 -12.84
CA LEU A 116 3.67 -5.27 -11.39
C LEU A 116 4.73 -4.43 -10.67
N GLY A 117 4.31 -3.37 -9.99
CA GLY A 117 5.23 -2.56 -9.15
C GLY A 117 4.91 -1.08 -9.20
N LYS A 118 5.83 -0.25 -8.69
CA LYS A 118 5.55 1.16 -8.36
C LYS A 118 5.88 2.06 -9.56
N TYR A 119 4.87 2.46 -10.31
CA TYR A 119 5.04 3.40 -11.45
C TYR A 119 5.43 4.75 -10.88
N PRO A 120 6.34 5.48 -11.55
CA PRO A 120 6.80 6.78 -11.05
C PRO A 120 5.83 7.92 -11.36
N GLY A 121 4.76 7.61 -12.10
CA GLY A 121 3.78 8.63 -12.54
C GLY A 121 2.51 7.97 -13.04
N PRO A 122 1.46 8.78 -13.30
CA PRO A 122 0.18 8.24 -13.74
C PRO A 122 0.23 7.70 -15.18
N ALA A 123 -0.73 6.84 -15.50
CA ALA A 123 -0.91 6.21 -16.83
C ALA A 123 -1.49 7.24 -17.80
N SER A 124 -0.94 7.31 -19.00
CA SER A 124 -1.48 8.12 -20.11
C SER A 124 -2.68 7.39 -20.73
N ARG A 125 -3.44 8.08 -21.57
CA ARG A 125 -4.54 7.44 -22.35
C ARG A 125 -3.91 6.34 -23.22
N GLU A 126 -2.68 6.55 -23.70
CA GLU A 126 -2.02 5.57 -24.60
C GLU A 126 -1.65 4.31 -23.80
N ASN A 127 -1.15 4.48 -22.57
CA ASN A 127 -0.83 3.35 -21.66
C ASN A 127 -2.08 2.50 -21.51
N ARG A 128 -3.23 3.12 -21.20
CA ARG A 128 -4.49 2.37 -20.95
C ARG A 128 -4.95 1.69 -22.24
N ALA A 129 -4.93 2.41 -23.38
CA ALA A 129 -5.31 1.86 -24.70
C ALA A 129 -4.45 0.64 -25.04
N ASN A 130 -3.14 0.74 -24.84
CA ASN A 130 -2.19 -0.37 -25.14
C ASN A 130 -2.54 -1.59 -24.27
N SER A 131 -2.86 -1.37 -22.99
CA SER A 131 -3.23 -2.45 -22.05
C SER A 131 -4.52 -3.16 -22.55
N VAL A 132 -5.54 -2.38 -22.88
CA VAL A 132 -6.83 -2.93 -23.40
C VAL A 132 -6.54 -3.81 -24.63
N ALA A 133 -5.77 -3.29 -25.59
CA ALA A 133 -5.50 -4.00 -26.86
C ALA A 133 -4.75 -5.31 -26.54
N ALA A 134 -3.76 -5.24 -25.64
CA ALA A 134 -2.95 -6.41 -25.24
C ALA A 134 -3.87 -7.47 -24.64
N MET A 135 -4.86 -7.05 -23.83
CA MET A 135 -5.73 -8.03 -23.16
C MET A 135 -6.72 -8.63 -24.17
N GLN A 136 -7.08 -7.89 -25.22
CA GLN A 136 -7.86 -8.46 -26.34
C GLN A 136 -7.05 -9.55 -27.03
N ARG A 137 -5.79 -9.26 -27.36
CA ARG A 137 -4.94 -10.24 -28.09
C ARG A 137 -4.74 -11.49 -27.21
N LEU A 138 -4.48 -11.30 -25.91
CA LEU A 138 -4.26 -12.42 -24.97
C LEU A 138 -5.56 -13.22 -24.82
N ALA A 139 -6.69 -12.55 -24.60
CA ALA A 139 -7.99 -13.24 -24.45
C ALA A 139 -8.22 -14.15 -25.68
N ASP A 140 -7.93 -13.65 -26.88
CA ASP A 140 -8.20 -14.38 -28.13
C ASP A 140 -7.26 -15.59 -28.22
N TYR A 141 -5.99 -15.42 -27.83
CA TYR A 141 -4.99 -16.53 -27.78
C TYR A 141 -5.43 -17.60 -26.78
N ALA A 142 -5.81 -17.18 -25.56
CA ALA A 142 -6.23 -18.07 -24.46
C ALA A 142 -7.51 -18.79 -24.88
N ALA A 143 -8.38 -18.15 -25.66
CA ALA A 143 -9.71 -18.70 -26.01
C ALA A 143 -9.50 -19.99 -26.83
N ASP A 144 -8.42 -20.04 -27.59
CA ASP A 144 -8.09 -21.18 -28.48
C ASP A 144 -7.67 -22.39 -27.64
N LYS A 145 -7.28 -22.17 -26.37
CA LYS A 145 -6.77 -23.25 -25.45
C LYS A 145 -7.70 -23.43 -24.24
N GLY A 146 -8.93 -22.93 -24.32
CA GLY A 146 -9.96 -23.12 -23.28
C GLY A 146 -9.60 -22.43 -21.97
N ILE A 147 -8.90 -21.30 -22.05
CA ILE A 147 -8.38 -20.59 -20.84
C ILE A 147 -9.12 -19.25 -20.69
N ASN A 148 -9.59 -18.97 -19.48
CA ASN A 148 -10.08 -17.63 -19.07
C ASN A 148 -8.90 -16.81 -18.53
N ILE A 149 -8.92 -15.50 -18.78
CA ILE A 149 -7.96 -14.57 -18.14
C ILE A 149 -8.73 -13.72 -17.12
N ASP A 150 -8.11 -13.52 -15.97
CA ASP A 150 -8.71 -12.77 -14.84
C ASP A 150 -7.73 -11.66 -14.48
N LEU A 151 -8.15 -10.41 -14.65
CA LEU A 151 -7.30 -9.22 -14.47
C LEU A 151 -7.39 -8.77 -13.01
N GLU A 152 -6.30 -8.93 -12.28
CA GLU A 152 -6.26 -8.65 -10.83
C GLU A 152 -6.14 -7.14 -10.60
N VAL A 153 -7.14 -6.56 -9.95
CA VAL A 153 -7.12 -5.17 -9.45
C VAL A 153 -6.14 -5.13 -8.27
N VAL A 154 -5.13 -4.28 -8.33
CA VAL A 154 -4.15 -4.21 -7.23
C VAL A 154 -4.02 -2.75 -6.81
N ASN A 155 -3.35 -2.52 -5.69
CA ASN A 155 -3.30 -1.18 -5.06
C ASN A 155 -2.40 -0.26 -5.89
N ARG A 156 -2.46 1.02 -5.56
CA ARG A 156 -1.76 2.13 -6.25
C ARG A 156 -0.24 1.88 -6.31
N TYR A 157 0.34 1.19 -5.33
CA TYR A 157 1.82 0.97 -5.31
C TYR A 157 2.21 -0.17 -6.27
N GLU A 158 1.24 -0.88 -6.86
CA GLU A 158 1.51 -2.09 -7.68
C GLU A 158 0.99 -1.94 -9.13
N THR A 159 0.10 -0.99 -9.41
CA THR A 159 -0.31 -0.60 -10.78
C THR A 159 -0.84 0.82 -10.79
N ASN A 160 -0.75 1.48 -11.94
CA ASN A 160 -1.36 2.81 -12.15
C ASN A 160 -2.55 2.69 -13.11
N ILE A 161 -2.97 1.47 -13.47
CA ILE A 161 -4.00 1.25 -14.53
C ILE A 161 -5.39 1.10 -13.90
N MET A 162 -5.52 0.24 -12.88
CA MET A 162 -6.84 0.01 -12.22
C MET A 162 -6.61 -0.42 -10.77
N ASN A 163 -7.17 0.33 -9.84
CA ASN A 163 -6.95 0.12 -8.39
C ASN A 163 -8.26 -0.24 -7.69
N THR A 164 -9.41 -0.15 -8.36
CA THR A 164 -10.70 -0.59 -7.79
C THR A 164 -11.43 -1.53 -8.75
N GLY A 165 -12.30 -2.38 -8.22
CA GLY A 165 -13.14 -3.27 -9.04
C GLY A 165 -13.94 -2.48 -10.05
N LEU A 166 -14.46 -1.31 -9.67
CA LEU A 166 -15.28 -0.47 -10.58
C LEU A 166 -14.42 -0.01 -11.77
N GLU A 167 -13.18 0.40 -11.54
CA GLU A 167 -12.26 0.77 -12.64
C GLU A 167 -11.97 -0.46 -13.50
N GLY A 168 -11.76 -1.62 -12.88
CA GLY A 168 -11.50 -2.87 -13.63
C GLY A 168 -12.67 -3.21 -14.54
N LEU A 169 -13.90 -2.99 -14.09
CA LEU A 169 -15.11 -3.35 -14.87
C LEU A 169 -15.25 -2.42 -16.10
N ALA A 170 -14.92 -1.13 -15.97
CA ALA A 170 -14.91 -0.18 -17.11
C ALA A 170 -13.84 -0.62 -18.11
N PHE A 171 -12.66 -1.02 -17.63
CA PHE A 171 -11.55 -1.53 -18.46
C PHE A 171 -12.03 -2.78 -19.23
N LEU A 172 -12.67 -3.71 -18.54
CA LEU A 172 -13.15 -4.97 -19.17
C LEU A 172 -14.23 -4.66 -20.21
N ASP A 173 -14.98 -3.58 -20.04
CA ASP A 173 -16.01 -3.18 -21.03
C ASP A 173 -15.33 -2.81 -22.34
N GLU A 174 -14.15 -2.20 -22.28
CA GLU A 174 -13.36 -1.80 -23.48
C GLU A 174 -12.69 -3.06 -24.05
N VAL A 175 -12.21 -3.98 -23.21
CA VAL A 175 -11.63 -5.25 -23.70
C VAL A 175 -12.73 -6.02 -24.46
N ASN A 176 -13.90 -6.16 -23.83
CA ASN A 176 -15.10 -6.75 -24.45
C ASN A 176 -14.79 -8.16 -24.99
N ARG A 177 -14.28 -9.04 -24.13
CA ARG A 177 -14.01 -10.46 -24.46
C ARG A 177 -14.72 -11.35 -23.45
N PRO A 178 -15.42 -12.41 -23.90
CA PRO A 178 -16.23 -13.25 -23.01
C PRO A 178 -15.40 -14.07 -22.00
N ASN A 179 -14.11 -14.26 -22.28
CA ASN A 179 -13.23 -15.09 -21.40
C ASN A 179 -12.28 -14.16 -20.64
N ALA A 180 -12.60 -12.87 -20.55
CA ALA A 180 -11.84 -11.92 -19.70
C ALA A 180 -12.70 -11.51 -18.51
N PHE A 181 -12.17 -11.69 -17.31
CA PHE A 181 -12.91 -11.51 -16.04
C PHE A 181 -12.12 -10.57 -15.12
N LEU A 182 -12.83 -10.06 -14.11
CA LEU A 182 -12.22 -9.31 -12.99
C LEU A 182 -11.67 -10.31 -11.97
N HIS A 183 -10.57 -9.95 -11.34
CA HIS A 183 -9.93 -10.71 -10.25
C HIS A 183 -9.80 -9.77 -9.07
N LEU A 184 -10.44 -10.07 -7.93
CA LEU A 184 -10.39 -9.21 -6.73
C LEU A 184 -9.53 -9.90 -5.67
N ASP A 185 -8.82 -9.09 -4.89
CA ASP A 185 -7.87 -9.56 -3.85
C ASP A 185 -8.14 -8.74 -2.58
N THR A 186 -8.53 -9.39 -1.49
CA THR A 186 -8.99 -8.68 -0.27
C THR A 186 -7.88 -7.77 0.26
N TYR A 187 -6.61 -8.13 0.10
CA TYR A 187 -5.48 -7.29 0.57
C TYR A 187 -5.51 -5.94 -0.16
N HIS A 188 -5.67 -5.96 -1.47
CA HIS A 188 -5.71 -4.74 -2.31
C HIS A 188 -7.00 -3.96 -2.06
N MET A 189 -8.12 -4.67 -1.89
CA MET A 189 -9.45 -4.04 -1.67
C MET A 189 -9.41 -3.25 -0.35
N ASN A 190 -8.70 -3.80 0.65
CA ASN A 190 -8.61 -3.21 2.00
C ASN A 190 -8.04 -1.79 1.91
N ILE A 191 -7.18 -1.55 0.91
CA ILE A 191 -6.55 -0.22 0.70
C ILE A 191 -7.51 0.66 -0.12
N GLU A 192 -8.02 0.17 -1.25
CA GLU A 192 -8.53 1.03 -2.34
C GLU A 192 -10.08 1.15 -2.36
N GLU A 193 -10.81 0.17 -1.83
CA GLU A 193 -12.28 0.05 -2.07
C GLU A 193 -13.08 0.81 -0.99
N ASN A 194 -14.24 1.32 -1.40
CA ASN A 194 -15.27 1.89 -0.50
C ASN A 194 -16.03 0.74 0.16
N GLY A 195 -15.43 0.06 1.13
CA GLY A 195 -15.99 -1.15 1.74
C GLY A 195 -15.76 -2.36 0.85
N MET A 196 -16.08 -3.55 1.36
CA MET A 196 -15.64 -4.81 0.72
C MET A 196 -16.75 -5.43 -0.15
N ALA A 197 -17.87 -4.73 -0.36
CA ALA A 197 -19.06 -5.30 -1.06
C ALA A 197 -19.26 -4.68 -2.45
N LYS A 198 -19.07 -3.35 -2.57
CA LYS A 198 -19.49 -2.53 -3.73
C LYS A 198 -18.99 -3.15 -5.05
N SER A 199 -17.70 -3.47 -5.15
CA SER A 199 -17.08 -3.98 -6.41
C SER A 199 -17.58 -5.39 -6.71
N VAL A 200 -17.77 -6.22 -5.69
CA VAL A 200 -18.24 -7.62 -5.87
C VAL A 200 -19.66 -7.57 -6.43
N LEU A 201 -20.55 -6.78 -5.82
CA LEU A 201 -21.95 -6.66 -6.28
C LEU A 201 -22.00 -6.11 -7.71
N ALA A 202 -21.14 -5.14 -8.04
CA ALA A 202 -21.11 -4.52 -9.38
C ALA A 202 -20.65 -5.56 -10.40
N ALA A 203 -19.66 -6.40 -10.04
CA ALA A 203 -19.02 -7.37 -10.96
C ALA A 203 -20.00 -8.50 -11.30
N GLY A 204 -20.72 -9.03 -10.31
CA GLY A 204 -21.59 -10.20 -10.49
C GLY A 204 -20.85 -11.28 -11.27
N ASP A 205 -21.41 -11.73 -12.38
CA ASP A 205 -20.85 -12.83 -13.20
C ASP A 205 -19.47 -12.48 -13.78
N ARG A 206 -19.07 -11.21 -13.76
CA ARG A 206 -17.78 -10.80 -14.37
C ARG A 206 -16.63 -11.02 -13.37
N LEU A 207 -16.94 -11.34 -12.11
CA LEU A 207 -15.91 -11.73 -11.11
C LEU A 207 -15.52 -13.18 -11.39
N GLY A 208 -14.30 -13.39 -11.85
CA GLY A 208 -13.84 -14.72 -12.30
C GLY A 208 -12.81 -15.34 -11.39
N TYR A 209 -12.25 -14.60 -10.42
CA TYR A 209 -11.13 -15.10 -9.58
C TYR A 209 -11.03 -14.25 -8.31
N VAL A 210 -10.66 -14.89 -7.21
CA VAL A 210 -10.58 -14.25 -5.87
C VAL A 210 -9.28 -14.66 -5.18
N HIS A 211 -8.56 -13.67 -4.67
CA HIS A 211 -7.48 -13.85 -3.67
C HIS A 211 -7.96 -13.42 -2.29
N ILE A 212 -7.67 -14.28 -1.31
CA ILE A 212 -7.91 -14.02 0.13
C ILE A 212 -6.55 -13.72 0.74
N GLY A 213 -6.33 -12.46 1.09
CA GLY A 213 -5.13 -11.97 1.79
C GLY A 213 -5.51 -11.09 2.96
N GLU A 214 -4.85 -11.27 4.10
CA GLU A 214 -5.04 -10.38 5.27
C GLU A 214 -4.43 -9.01 4.94
N SER A 215 -4.77 -7.99 5.71
CA SER A 215 -4.34 -6.58 5.48
C SER A 215 -2.81 -6.50 5.41
N HIS A 216 -2.09 -7.29 6.20
CA HIS A 216 -0.61 -7.29 6.24
C HIS A 216 -0.02 -8.50 5.49
N ARG A 217 -0.88 -9.31 4.87
CA ARG A 217 -0.54 -10.49 4.02
C ARG A 217 -0.04 -11.66 4.88
N GLY A 218 -0.35 -11.66 6.18
CA GLY A 218 0.00 -12.76 7.11
C GLY A 218 -1.18 -13.68 7.40
N TYR A 219 -1.23 -14.22 8.62
CA TYR A 219 -2.32 -15.11 9.09
C TYR A 219 -3.69 -14.44 8.88
N LEU A 220 -4.66 -15.15 8.32
CA LEU A 220 -6.03 -14.62 8.19
C LEU A 220 -6.60 -14.43 9.59
N GLY A 221 -7.26 -13.29 9.83
CA GLY A 221 -7.98 -12.98 11.07
C GLY A 221 -7.14 -12.20 12.06
N THR A 222 -5.87 -11.89 11.73
CA THR A 222 -4.90 -11.19 12.62
C THR A 222 -4.65 -9.78 12.11
N GLY A 223 -5.45 -9.32 11.16
CA GLY A 223 -5.29 -7.99 10.56
C GLY A 223 -6.60 -7.22 10.57
N ASN A 224 -6.82 -6.39 9.56
CA ASN A 224 -7.91 -5.40 9.54
C ASN A 224 -8.95 -5.71 8.46
N VAL A 225 -8.77 -6.75 7.64
CA VAL A 225 -9.70 -6.97 6.50
C VAL A 225 -11.08 -7.36 7.05
N ASP A 226 -12.13 -6.72 6.53
CA ASP A 226 -13.52 -7.06 6.87
C ASP A 226 -13.94 -8.28 6.05
N PHE A 227 -13.53 -9.47 6.46
CA PHE A 227 -13.88 -10.71 5.73
C PHE A 227 -15.38 -10.98 5.82
N ALA A 228 -16.05 -10.58 6.90
CA ALA A 228 -17.51 -10.80 7.07
C ALA A 228 -18.24 -10.13 5.92
N SER A 229 -17.89 -8.88 5.61
CA SER A 229 -18.49 -8.07 4.52
C SER A 229 -18.17 -8.70 3.17
N PHE A 230 -16.91 -9.09 2.98
CA PHE A 230 -16.45 -9.64 1.69
C PHE A 230 -17.17 -10.96 1.38
N PHE A 231 -17.19 -11.91 2.32
CA PHE A 231 -17.81 -13.24 2.05
C PHE A 231 -19.34 -13.09 1.91
N ALA A 232 -19.95 -12.14 2.62
CA ALA A 232 -21.38 -11.84 2.46
C ALA A 232 -21.67 -11.43 1.01
N ALA A 233 -20.83 -10.56 0.45
CA ALA A 233 -20.99 -10.05 -0.93
C ALA A 233 -20.82 -11.20 -1.93
N LEU A 234 -19.82 -12.06 -1.74
CA LEU A 234 -19.63 -13.26 -2.61
C LEU A 234 -20.91 -14.10 -2.59
N LYS A 235 -21.51 -14.28 -1.41
CA LYS A 235 -22.76 -15.08 -1.29
C LYS A 235 -23.88 -14.40 -2.06
N GLN A 236 -23.95 -13.07 -2.01
CA GLN A 236 -25.03 -12.26 -2.64
C GLN A 236 -24.96 -12.41 -4.16
N ILE A 237 -23.79 -12.69 -4.74
CA ILE A 237 -23.67 -12.94 -6.21
C ILE A 237 -23.47 -14.44 -6.49
N ASP A 238 -23.62 -15.30 -5.47
CA ASP A 238 -23.38 -16.76 -5.56
C ASP A 238 -22.08 -17.04 -6.33
N TYR A 239 -20.99 -16.44 -5.92
CA TYR A 239 -19.67 -16.62 -6.59
C TYR A 239 -19.29 -18.10 -6.59
N ARG A 240 -19.01 -18.63 -7.77
CA ARG A 240 -18.54 -20.04 -7.97
C ARG A 240 -17.31 -20.03 -8.86
N GLY A 241 -16.16 -19.75 -8.26
CA GLY A 241 -14.89 -19.72 -8.99
C GLY A 241 -13.74 -19.95 -8.03
N PRO A 242 -12.49 -19.90 -8.53
CA PRO A 242 -11.32 -20.09 -7.70
C PRO A 242 -11.24 -19.06 -6.56
N ILE A 243 -10.87 -19.56 -5.38
CA ILE A 243 -10.51 -18.72 -4.20
C ILE A 243 -9.14 -19.18 -3.73
N THR A 244 -8.11 -18.35 -3.90
CA THR A 244 -6.70 -18.67 -3.53
C THR A 244 -6.32 -17.92 -2.26
N PHE A 245 -5.81 -18.63 -1.27
CA PHE A 245 -5.13 -18.03 -0.10
C PHE A 245 -3.76 -17.55 -0.58
N GLU A 246 -3.48 -16.28 -0.31
CA GLU A 246 -2.21 -15.61 -0.70
C GLU A 246 -1.59 -14.99 0.55
N SER A 247 -0.30 -15.22 0.76
CA SER A 247 0.42 -14.75 1.96
C SER A 247 1.91 -14.67 1.67
N PHE A 248 2.56 -13.63 2.17
CA PHE A 248 4.01 -13.44 1.96
C PHE A 248 4.68 -13.16 3.30
N SER A 249 5.80 -13.84 3.52
CA SER A 249 6.68 -13.64 4.69
C SER A 249 8.13 -13.63 4.21
N SER A 250 9.01 -12.90 4.89
CA SER A 250 10.47 -12.92 4.61
C SER A 250 11.01 -14.35 4.80
N GLU A 251 10.23 -15.23 5.45
CA GLU A 251 10.56 -16.67 5.64
C GLU A 251 10.80 -17.34 4.28
N ILE A 252 9.96 -17.03 3.29
CA ILE A 252 10.01 -17.66 1.93
C ILE A 252 10.11 -16.53 0.90
N VAL A 253 11.27 -16.43 0.24
CA VAL A 253 11.64 -15.28 -0.63
C VAL A 253 11.75 -15.76 -2.08
N ASP A 254 11.00 -15.12 -2.98
CA ASP A 254 11.20 -15.22 -4.45
C ASP A 254 12.00 -13.98 -4.85
N PRO A 255 13.31 -14.14 -5.15
CA PRO A 255 14.22 -13.03 -5.38
C PRO A 255 13.57 -11.80 -6.04
N LYS A 256 12.78 -12.00 -7.09
CA LYS A 256 12.09 -10.89 -7.81
C LYS A 256 10.83 -10.45 -7.04
N LEU A 257 9.80 -11.32 -7.01
CA LEU A 257 8.42 -10.99 -6.57
C LEU A 257 8.45 -10.39 -5.15
N SER A 258 9.23 -10.97 -4.24
CA SER A 258 9.20 -10.61 -2.80
C SER A 258 9.62 -9.14 -2.62
N ASN A 259 10.63 -8.68 -3.37
CA ASN A 259 11.16 -7.30 -3.25
C ASN A 259 10.21 -6.34 -3.97
N THR A 260 9.59 -6.76 -5.08
CA THR A 260 8.55 -5.95 -5.76
C THR A 260 7.38 -5.70 -4.80
N LEU A 261 7.03 -6.70 -4.00
CA LEU A 261 5.86 -6.64 -3.07
C LEU A 261 6.28 -6.09 -1.71
N CYS A 262 7.55 -5.70 -1.56
CA CYS A 262 8.07 -5.02 -0.34
C CYS A 262 7.77 -5.88 0.91
N VAL A 263 8.10 -7.17 0.85
CA VAL A 263 7.83 -8.13 1.98
C VAL A 263 9.03 -8.06 2.94
N TRP A 264 9.03 -7.07 3.81
CA TRP A 264 10.18 -6.76 4.71
C TRP A 264 10.08 -7.58 6.00
N ARG A 265 8.89 -8.07 6.36
CA ARG A 265 8.67 -8.65 7.70
C ARG A 265 8.44 -10.16 7.63
N ASN A 266 8.80 -10.83 8.72
CA ASN A 266 8.47 -12.25 8.97
C ASN A 266 7.11 -12.29 9.67
N LEU A 267 6.04 -12.64 8.95
CA LEU A 267 4.64 -12.67 9.45
C LEU A 267 4.29 -14.11 9.83
N TRP A 268 5.18 -15.04 9.51
CA TRP A 268 5.00 -16.51 9.73
C TRP A 268 6.28 -17.24 9.34
N HIS A 269 6.44 -18.47 9.84
CA HIS A 269 7.61 -19.35 9.59
C HIS A 269 7.13 -20.74 9.15
N ASP A 270 5.95 -21.16 9.61
CA ASP A 270 5.40 -22.53 9.43
C ASP A 270 4.34 -22.54 8.33
N SER A 271 4.73 -22.89 7.10
CA SER A 271 3.85 -22.91 5.90
C SER A 271 2.62 -23.78 6.17
N ASP A 272 2.80 -24.97 6.75
CA ASP A 272 1.68 -25.93 6.95
C ASP A 272 0.65 -25.35 7.93
N ASP A 273 1.11 -24.72 9.00
CA ASP A 273 0.19 -24.14 10.02
C ASP A 273 -0.59 -22.99 9.36
N LEU A 274 0.14 -22.12 8.68
CA LEU A 274 -0.46 -20.93 8.01
C LEU A 274 -1.51 -21.41 7.00
N ALA A 275 -1.16 -22.33 6.11
CA ALA A 275 -2.03 -22.79 5.00
C ALA A 275 -3.24 -23.57 5.54
N GLY A 276 -3.03 -24.42 6.55
CA GLY A 276 -4.12 -25.20 7.15
C GLY A 276 -5.13 -24.29 7.83
N LYS A 277 -4.64 -23.32 8.59
CA LYS A 277 -5.52 -22.37 9.33
C LYS A 277 -6.25 -21.49 8.33
N ALA A 278 -5.60 -21.10 7.23
CA ALA A 278 -6.21 -20.24 6.19
C ALA A 278 -7.39 -20.98 5.56
N LEU A 279 -7.19 -22.23 5.17
CA LEU A 279 -8.23 -23.01 4.46
C LEU A 279 -9.43 -23.15 5.40
N GLU A 280 -9.18 -23.46 6.67
CA GLU A 280 -10.26 -23.59 7.69
C GLU A 280 -10.99 -22.24 7.83
N PHE A 281 -10.24 -21.14 7.92
CA PHE A 281 -10.79 -19.77 8.04
C PHE A 281 -11.76 -19.50 6.88
N ILE A 282 -11.34 -19.79 5.66
CA ILE A 282 -12.14 -19.54 4.43
C ILE A 282 -13.38 -20.43 4.42
N LYS A 283 -13.22 -21.73 4.67
CA LYS A 283 -14.34 -22.70 4.52
C LYS A 283 -15.39 -22.43 5.61
N GLN A 284 -14.98 -21.88 6.75
CA GLN A 284 -15.93 -21.56 7.84
C GLN A 284 -16.83 -20.39 7.40
N ARG A 285 -16.38 -19.58 6.43
CA ARG A 285 -17.07 -18.31 6.05
C ARG A 285 -17.67 -18.39 4.65
N TYR A 286 -17.30 -19.39 3.85
CA TYR A 286 -17.81 -19.51 2.44
C TYR A 286 -17.94 -20.96 2.01
N GLY A 287 -19.04 -21.30 1.33
CA GLY A 287 -19.26 -22.61 0.69
C GLY A 287 -19.72 -23.67 1.67
N ALA B 2 10.54 17.25 26.56
CA ALA B 2 9.43 17.43 25.60
C ALA B 2 9.01 18.90 25.52
N PHE B 3 8.78 19.41 24.32
CA PHE B 3 8.28 20.80 24.13
C PHE B 3 6.75 20.72 24.12
N PRO B 4 6.06 21.81 24.51
CA PRO B 4 4.63 21.74 24.78
C PRO B 4 3.86 21.18 23.58
N LYS B 5 2.97 20.23 23.86
CA LYS B 5 1.97 19.68 22.92
C LYS B 5 0.59 19.96 23.52
N ARG B 6 -0.40 20.21 22.66
CA ARG B 6 -1.80 20.37 23.08
C ARG B 6 -2.65 19.57 22.10
N LEU B 7 -3.87 19.21 22.51
CA LEU B 7 -4.87 18.68 21.58
C LEU B 7 -5.26 19.80 20.62
N GLU B 8 -4.91 19.66 19.35
CA GLU B 8 -5.23 20.65 18.29
C GLU B 8 -5.40 19.90 16.98
N TYR B 9 -6.24 20.46 16.10
CA TYR B 9 -6.67 19.80 14.84
C TYR B 9 -6.08 20.58 13.68
N GLY B 10 -5.43 19.84 12.78
CA GLY B 10 -4.77 20.41 11.59
C GLY B 10 -5.23 19.76 10.30
N GLY B 11 -4.97 20.45 9.19
CA GLY B 11 -5.12 19.94 7.83
C GLY B 11 -3.79 19.94 7.12
N HIS B 12 -3.49 18.86 6.39
CA HIS B 12 -2.27 18.75 5.55
C HIS B 12 -2.44 19.65 4.34
N ALA B 13 -1.40 20.40 3.95
CA ALA B 13 -1.47 21.39 2.85
C ALA B 13 -2.11 20.79 1.58
N LEU B 14 -1.84 19.51 1.28
CA LEU B 14 -2.24 18.88 -0.03
C LEU B 14 -3.75 18.64 -0.08
N VAL B 15 -4.48 18.90 1.00
CA VAL B 15 -5.96 18.95 0.96
C VAL B 15 -6.39 20.14 0.08
N TRP B 16 -5.57 21.19 -0.01
CA TRP B 16 -5.93 22.48 -0.66
C TRP B 16 -4.99 22.85 -1.81
N SER B 17 -3.69 22.57 -1.69
CA SER B 17 -2.66 23.16 -2.57
C SER B 17 -1.50 22.19 -2.82
N GLY B 18 -1.05 22.10 -4.07
CA GLY B 18 0.08 21.23 -4.49
C GLY B 18 1.39 21.99 -4.51
N ASP B 19 1.40 23.30 -4.26
CA ASP B 19 2.66 24.08 -4.23
C ASP B 19 2.63 25.06 -3.06
N TRP B 20 3.78 25.65 -2.75
CA TRP B 20 3.90 26.67 -1.68
C TRP B 20 4.42 27.98 -2.28
N SER B 21 3.92 28.34 -3.46
CA SER B 21 4.02 29.72 -4.01
C SER B 21 3.22 30.65 -3.10
N ALA B 22 3.35 31.95 -3.28
CA ALA B 22 2.53 32.94 -2.55
C ALA B 22 1.06 32.56 -2.68
N ALA B 23 0.61 32.15 -3.87
CA ALA B 23 -0.80 31.78 -4.14
C ALA B 23 -1.13 30.46 -3.43
N GLY B 24 -0.26 29.48 -3.56
CA GLY B 24 -0.47 28.11 -3.01
C GLY B 24 -0.48 28.11 -1.49
N ALA B 25 0.46 28.82 -0.87
CA ALA B 25 0.54 28.98 0.60
C ALA B 25 -0.77 29.60 1.10
N ARG B 26 -1.25 30.66 0.43
CA ARG B 26 -2.46 31.36 0.88
C ARG B 26 -3.67 30.44 0.71
N LYS B 27 -3.73 29.71 -0.41
CA LYS B 27 -4.87 28.80 -0.67
C LYS B 27 -4.96 27.77 0.47
N ALA B 28 -3.82 27.20 0.88
CA ALA B 28 -3.77 26.16 1.93
C ALA B 28 -4.15 26.79 3.28
N ILE B 29 -3.52 27.90 3.65
CA ILE B 29 -3.76 28.55 4.97
C ILE B 29 -5.21 29.06 5.06
N ALA B 30 -5.71 29.77 4.04
CA ALA B 30 -7.11 30.23 3.97
C ALA B 30 -8.05 29.02 4.09
N GLY B 31 -7.72 27.91 3.42
CA GLY B 31 -8.57 26.71 3.41
C GLY B 31 -8.68 26.11 4.81
N ALA B 32 -7.55 25.96 5.48
CA ALA B 32 -7.48 25.43 6.86
C ALA B 32 -8.28 26.35 7.80
N ALA B 33 -8.07 27.67 7.73
CA ALA B 33 -8.76 28.65 8.60
C ALA B 33 -10.27 28.62 8.34
N ARG B 34 -10.67 28.58 7.07
CA ARG B 34 -12.10 28.57 6.64
C ARG B 34 -12.83 27.38 7.28
N ALA B 35 -12.18 26.22 7.33
CA ALA B 35 -12.79 24.97 7.83
C ALA B 35 -12.75 24.96 9.37
N GLY B 36 -11.94 25.83 9.99
CA GLY B 36 -11.86 25.98 11.46
C GLY B 36 -10.76 25.11 12.08
N TYR B 37 -9.75 24.73 11.30
CA TYR B 37 -8.56 23.99 11.82
C TYR B 37 -7.74 24.96 12.68
N ASP B 38 -7.02 24.40 13.65
CA ASP B 38 -6.11 25.14 14.55
C ASP B 38 -4.78 25.40 13.84
N TYR B 39 -4.35 24.50 12.97
CA TYR B 39 -3.03 24.62 12.30
C TYR B 39 -3.08 24.02 10.90
N ILE B 40 -2.10 24.42 10.09
CA ILE B 40 -1.79 23.86 8.75
C ILE B 40 -0.53 23.03 8.93
N GLU B 41 -0.49 21.86 8.30
CA GLU B 41 0.75 21.05 8.24
C GLU B 41 1.38 21.28 6.87
N ILE B 42 2.52 21.97 6.84
CA ILE B 42 3.23 22.32 5.59
C ILE B 42 4.10 21.13 5.20
N ALA B 43 4.05 20.72 3.93
CA ALA B 43 4.93 19.69 3.33
C ALA B 43 6.26 20.36 2.97
N LEU B 44 7.35 20.02 3.65
CA LEU B 44 8.68 20.69 3.56
C LEU B 44 9.68 19.79 2.84
N LEU B 45 9.29 19.17 1.73
CA LEU B 45 10.17 18.24 0.97
C LEU B 45 11.41 18.99 0.47
N ASP B 46 11.28 20.27 0.11
CA ASP B 46 12.42 21.15 -0.23
C ASP B 46 12.32 22.43 0.60
N PRO B 47 12.91 22.43 1.81
CA PRO B 47 12.75 23.57 2.73
C PRO B 47 13.43 24.86 2.24
N TRP B 48 14.31 24.79 1.24
CA TRP B 48 14.95 25.98 0.64
C TRP B 48 13.95 26.75 -0.24
N GLN B 49 12.84 26.12 -0.65
CA GLN B 49 11.85 26.71 -1.59
C GLN B 49 10.88 27.63 -0.84
N ILE B 50 10.71 27.42 0.48
CA ILE B 50 9.68 28.14 1.28
C ILE B 50 10.08 29.61 1.46
N ASP B 51 9.16 30.54 1.16
CA ASP B 51 9.29 31.98 1.51
C ASP B 51 8.82 32.16 2.95
N VAL B 52 9.77 32.25 3.88
CA VAL B 52 9.46 32.24 5.34
C VAL B 52 8.68 33.51 5.72
N ALA B 53 9.13 34.70 5.32
CA ALA B 53 8.47 35.97 5.69
C ALA B 53 7.01 35.95 5.20
N LEU B 54 6.80 35.54 3.95
CA LEU B 54 5.47 35.49 3.30
C LEU B 54 4.59 34.54 4.10
N THR B 55 5.12 33.36 4.45
CA THR B 55 4.34 32.31 5.16
C THR B 55 3.98 32.83 6.56
N LYS B 56 4.92 33.44 7.27
CA LYS B 56 4.63 33.98 8.63
C LYS B 56 3.51 35.02 8.54
N ASP B 57 3.58 35.91 7.55
CA ASP B 57 2.55 36.97 7.34
C ASP B 57 1.18 36.31 7.13
N LEU B 58 1.13 35.21 6.38
CA LEU B 58 -0.14 34.50 6.07
C LEU B 58 -0.68 33.86 7.35
N LEU B 59 0.19 33.19 8.13
CA LEU B 59 -0.22 32.56 9.42
C LEU B 59 -0.80 33.64 10.34
N GLN B 60 -0.19 34.82 10.40
CA GLN B 60 -0.68 35.94 11.25
C GLN B 60 -1.98 36.49 10.66
N GLU B 61 -2.05 36.66 9.33
CA GLU B 61 -3.26 37.19 8.66
C GLU B 61 -4.47 36.30 8.98
N TYR B 62 -4.29 34.97 8.99
CA TYR B 62 -5.41 34.01 9.17
C TYR B 62 -5.49 33.47 10.59
N ASN B 63 -4.60 33.92 11.48
CA ASN B 63 -4.59 33.51 12.90
C ASN B 63 -4.48 31.99 13.00
N LEU B 64 -3.50 31.42 12.30
CA LEU B 64 -3.31 29.96 12.17
C LEU B 64 -1.89 29.58 12.65
N ARG B 65 -1.77 28.43 13.30
CA ARG B 65 -0.45 27.86 13.66
C ARG B 65 0.01 26.93 12.53
N ALA B 66 1.29 26.59 12.50
CA ALA B 66 1.87 25.69 11.47
C ALA B 66 2.70 24.61 12.17
N HIS B 67 2.56 23.37 11.71
CA HIS B 67 3.57 22.30 11.92
C HIS B 67 4.12 21.94 10.54
N ALA B 68 5.15 21.10 10.48
CA ALA B 68 5.79 20.73 9.21
C ALA B 68 6.00 19.22 9.17
N SER B 69 5.79 18.62 8.01
CA SER B 69 6.13 17.20 7.74
C SER B 69 7.00 17.15 6.50
N LEU B 70 7.83 16.13 6.39
CA LEU B 70 8.52 15.90 5.11
C LEU B 70 8.86 14.42 4.99
N GLY B 71 9.25 14.04 3.78
CA GLY B 71 9.95 12.78 3.49
C GLY B 71 11.27 13.12 2.86
N LEU B 72 12.31 12.35 3.17
CA LEU B 72 13.61 12.47 2.49
C LEU B 72 13.51 11.80 1.12
N SER B 73 14.55 11.95 0.31
CA SER B 73 14.65 11.34 -1.04
C SER B 73 15.96 10.58 -1.11
N ALA B 74 16.22 9.90 -2.23
CA ALA B 74 17.45 9.09 -2.41
C ALA B 74 18.68 9.98 -2.17
N ALA B 75 18.62 11.27 -2.51
CA ALA B 75 19.79 12.20 -2.44
C ALA B 75 20.07 12.59 -0.99
N THR B 76 19.11 12.37 -0.09
CA THR B 76 19.16 12.88 1.31
C THR B 76 18.85 11.74 2.29
N ASP B 77 18.99 10.49 1.86
CA ASP B 77 18.59 9.30 2.65
C ASP B 77 19.55 9.06 3.82
N VAL B 78 19.10 9.29 5.06
CA VAL B 78 19.97 9.16 6.26
C VAL B 78 20.19 7.68 6.63
N THR B 79 19.56 6.73 5.93
CA THR B 79 19.84 5.27 6.12
C THR B 79 21.02 4.86 5.24
N SER B 80 21.45 5.72 4.30
CA SER B 80 22.44 5.37 3.26
C SER B 80 23.77 4.90 3.88
N THR B 81 24.46 3.97 3.24
CA THR B 81 25.84 3.57 3.62
C THR B 81 26.85 4.53 2.97
N ASP B 82 26.36 5.48 2.15
CA ASP B 82 27.18 6.57 1.56
C ASP B 82 27.20 7.74 2.53
N PRO B 83 28.34 8.03 3.19
CA PRO B 83 28.40 9.08 4.20
C PRO B 83 28.02 10.47 3.66
N ALA B 84 28.28 10.73 2.38
CA ALA B 84 27.97 12.03 1.73
C ALA B 84 26.44 12.20 1.64
N ILE B 85 25.71 11.12 1.39
CA ILE B 85 24.23 11.15 1.26
C ILE B 85 23.64 11.39 2.66
N VAL B 86 24.14 10.69 3.68
CA VAL B 86 23.70 10.93 5.08
C VAL B 86 23.90 12.40 5.42
N ALA B 87 25.05 12.97 5.05
CA ALA B 87 25.40 14.39 5.36
C ALA B 87 24.40 15.32 4.67
N LYS B 88 23.98 15.01 3.44
CA LYS B 88 22.99 15.86 2.71
C LYS B 88 21.63 15.77 3.43
N GLY B 89 21.28 14.59 3.93
CA GLY B 89 20.07 14.38 4.75
C GLY B 89 20.11 15.20 6.03
N ASP B 90 21.22 15.14 6.75
CA ASP B 90 21.47 15.94 7.98
C ASP B 90 21.20 17.41 7.65
N GLU B 91 21.73 17.91 6.53
CA GLU B 91 21.65 19.32 6.09
C GLU B 91 20.20 19.71 5.79
N LEU B 92 19.45 18.87 5.06
CA LEU B 92 18.04 19.14 4.71
C LEU B 92 17.22 19.24 6.01
N LEU B 93 17.42 18.29 6.93
CA LEU B 93 16.65 18.24 8.20
C LEU B 93 16.95 19.48 9.05
N ARG B 94 18.20 19.95 9.09
CA ARG B 94 18.55 21.19 9.82
C ARG B 94 17.84 22.38 9.14
N LYS B 95 17.82 22.44 7.82
CA LYS B 95 17.13 23.54 7.10
C LYS B 95 15.63 23.50 7.42
N ALA B 96 15.00 22.32 7.40
CA ALA B 96 13.57 22.16 7.73
C ALA B 96 13.32 22.67 9.15
N THR B 97 14.20 22.30 10.09
CA THR B 97 14.10 22.73 11.50
C THR B 97 14.18 24.26 11.56
N ASP B 98 15.12 24.85 10.83
CA ASP B 98 15.34 26.33 10.80
C ASP B 98 14.07 27.02 10.28
N VAL B 99 13.44 26.47 9.24
CA VAL B 99 12.20 27.06 8.65
C VAL B 99 11.10 27.00 9.70
N LEU B 100 10.92 25.84 10.31
CA LEU B 100 9.85 25.62 11.31
C LEU B 100 10.04 26.60 12.47
N TYR B 101 11.27 26.75 12.94
CA TYR B 101 11.63 27.69 14.03
C TYR B 101 11.19 29.11 13.64
N ALA B 102 11.53 29.55 12.43
CA ALA B 102 11.26 30.91 11.91
C ALA B 102 9.74 31.14 11.81
N LEU B 103 8.95 30.07 11.64
CA LEU B 103 7.46 30.13 11.55
C LEU B 103 6.82 29.99 12.93
N GLY B 104 7.64 29.83 13.98
CA GLY B 104 7.20 29.68 15.37
C GLY B 104 6.57 28.32 15.64
N GLY B 105 6.86 27.32 14.80
CA GLY B 105 6.32 25.95 14.93
C GLY B 105 7.08 25.14 15.97
N SER B 106 6.54 24.00 16.37
CA SER B 106 7.12 23.18 17.46
C SER B 106 7.15 21.69 17.09
N GLU B 107 6.65 21.30 15.91
CA GLU B 107 6.57 19.87 15.49
C GLU B 107 7.13 19.68 14.08
N LEU B 108 8.16 18.85 13.94
CA LEU B 108 8.66 18.37 12.64
C LEU B 108 8.37 16.87 12.59
N CYS B 109 7.46 16.45 11.72
CA CYS B 109 6.97 15.06 11.72
C CYS B 109 7.07 14.46 10.32
N GLY B 110 6.62 13.22 10.18
CA GLY B 110 6.60 12.50 8.89
C GLY B 110 7.79 11.57 8.74
N VAL B 111 8.17 11.30 7.50
CA VAL B 111 9.20 10.28 7.20
C VAL B 111 10.54 10.98 7.13
N ILE B 112 11.03 11.38 8.31
CA ILE B 112 12.25 12.21 8.47
C ILE B 112 13.47 11.28 8.63
N TYR B 113 13.27 9.97 8.68
CA TYR B 113 14.30 8.98 9.10
C TYR B 113 14.77 8.13 7.91
N CYS B 114 14.19 8.32 6.73
CA CYS B 114 14.59 7.56 5.52
C CYS B 114 14.07 8.25 4.27
N ALA B 115 14.46 7.73 3.10
CA ALA B 115 13.89 8.13 1.79
C ALA B 115 12.45 7.62 1.75
N LEU B 116 11.49 8.51 1.53
CA LEU B 116 10.07 8.14 1.37
C LEU B 116 9.92 7.41 0.03
N GLY B 117 9.43 6.17 0.05
CA GLY B 117 9.15 5.41 -1.19
C GLY B 117 9.70 3.99 -1.15
N LYS B 118 9.86 3.41 -2.33
CA LYS B 118 10.06 1.95 -2.50
C LYS B 118 11.55 1.65 -2.44
N TYR B 119 11.95 0.85 -1.45
CA TYR B 119 13.32 0.32 -1.32
C TYR B 119 13.41 -0.95 -2.15
N PRO B 120 14.59 -1.25 -2.73
CA PRO B 120 14.75 -2.45 -3.57
C PRO B 120 14.94 -3.74 -2.77
N GLY B 121 15.05 -3.63 -1.44
CA GLY B 121 15.31 -4.78 -0.56
C GLY B 121 15.16 -4.41 0.92
N PRO B 122 15.25 -5.39 1.84
CA PRO B 122 15.08 -5.12 3.27
C PRO B 122 16.24 -4.25 3.80
N ALA B 123 15.99 -3.52 4.88
CA ALA B 123 16.99 -2.65 5.55
C ALA B 123 17.97 -3.55 6.32
N SER B 124 19.25 -3.19 6.28
CA SER B 124 20.32 -3.83 7.07
C SER B 124 20.34 -3.22 8.48
N ARG B 125 21.02 -3.91 9.41
CA ARG B 125 21.27 -3.35 10.76
C ARG B 125 21.99 -2.00 10.62
N GLU B 126 22.87 -1.88 9.62
CA GLU B 126 23.67 -0.66 9.35
C GLU B 126 22.75 0.48 8.86
N ASN B 127 21.83 0.21 7.93
CA ASN B 127 20.81 1.19 7.46
C ASN B 127 20.07 1.74 8.69
N ARG B 128 19.59 0.85 9.55
CA ARG B 128 18.82 1.23 10.76
C ARG B 128 19.70 2.05 11.72
N ALA B 129 20.92 1.58 12.00
CA ALA B 129 21.86 2.27 12.91
C ALA B 129 22.15 3.69 12.37
N ASN B 130 22.36 3.83 11.07
CA ASN B 130 22.63 5.15 10.43
C ASN B 130 21.45 6.09 10.66
N SER B 131 20.22 5.58 10.50
CA SER B 131 18.98 6.38 10.69
C SER B 131 18.86 6.82 12.15
N VAL B 132 19.06 5.90 13.08
CA VAL B 132 18.95 6.19 14.54
C VAL B 132 19.92 7.32 14.89
N ALA B 133 21.17 7.23 14.43
CA ALA B 133 22.20 8.24 14.75
C ALA B 133 21.79 9.59 14.14
N ALA B 134 21.26 9.61 12.92
CA ALA B 134 20.81 10.86 12.26
C ALA B 134 19.67 11.48 13.07
N MET B 135 18.77 10.65 13.60
CA MET B 135 17.59 11.15 14.37
C MET B 135 18.06 11.68 15.73
N GLN B 136 19.14 11.14 16.30
CA GLN B 136 19.78 11.69 17.52
C GLN B 136 20.34 13.08 17.21
N ARG B 137 21.07 13.23 16.10
CA ARG B 137 21.68 14.51 15.69
C ARG B 137 20.57 15.53 15.43
N LEU B 138 19.50 15.11 14.77
CA LEU B 138 18.37 16.03 14.45
C LEU B 138 17.67 16.42 15.76
N ALA B 139 17.35 15.45 16.61
CA ALA B 139 16.62 15.73 17.87
C ALA B 139 17.39 16.77 18.67
N ASP B 140 18.71 16.65 18.74
CA ASP B 140 19.59 17.58 19.51
C ASP B 140 19.55 18.96 18.86
N TYR B 141 19.59 19.06 17.52
CA TYR B 141 19.51 20.34 16.79
C TYR B 141 18.14 21.00 17.05
N ALA B 142 17.07 20.23 16.92
CA ALA B 142 15.67 20.69 17.10
C ALA B 142 15.46 21.17 18.54
N ALA B 143 16.07 20.50 19.52
CA ALA B 143 15.89 20.80 20.96
C ALA B 143 16.39 22.22 21.24
N ASP B 144 17.44 22.65 20.56
CA ASP B 144 18.00 24.03 20.72
C ASP B 144 16.97 25.04 20.22
N LYS B 145 15.99 24.61 19.41
CA LYS B 145 15.01 25.51 18.77
C LYS B 145 13.60 25.24 19.30
N GLY B 146 13.47 24.45 20.38
CA GLY B 146 12.19 24.16 21.04
C GLY B 146 11.28 23.34 20.14
N ILE B 147 11.84 22.45 19.33
CA ILE B 147 11.06 21.62 18.36
C ILE B 147 11.13 20.16 18.75
N ASN B 148 9.96 19.51 18.78
CA ASN B 148 9.80 18.04 18.90
C ASN B 148 9.91 17.42 17.51
N ILE B 149 10.52 16.24 17.41
CA ILE B 149 10.49 15.46 16.14
C ILE B 149 9.59 14.24 16.37
N ASP B 150 8.75 13.92 15.39
CA ASP B 150 7.79 12.81 15.47
C ASP B 150 8.00 11.90 14.26
N LEU B 151 8.40 10.65 14.51
CA LEU B 151 8.82 9.65 13.51
C LEU B 151 7.56 8.93 13.00
N GLU B 152 7.16 9.18 11.75
CA GLU B 152 5.92 8.61 11.18
C GLU B 152 6.16 7.17 10.70
N VAL B 153 5.45 6.23 11.31
CA VAL B 153 5.38 4.83 10.83
C VAL B 153 4.54 4.79 9.55
N VAL B 154 5.12 4.30 8.46
CA VAL B 154 4.42 4.22 7.15
C VAL B 154 4.53 2.79 6.63
N ASN B 155 3.74 2.50 5.59
CA ASN B 155 3.58 1.12 5.06
C ASN B 155 4.85 0.70 4.29
N ARG B 156 4.89 -0.59 3.97
CA ARG B 156 6.02 -1.30 3.34
C ARG B 156 6.43 -0.65 2.01
N TYR B 157 5.51 -0.02 1.29
CA TYR B 157 5.82 0.59 -0.03
C TYR B 157 6.51 1.94 0.15
N GLU B 158 6.54 2.48 1.37
CA GLU B 158 7.00 3.87 1.65
C GLU B 158 8.25 3.86 2.55
N THR B 159 8.54 2.75 3.23
CA THR B 159 9.81 2.60 3.98
C THR B 159 10.05 1.11 4.25
N ASN B 160 11.32 0.73 4.44
CA ASN B 160 11.70 -0.63 4.89
C ASN B 160 12.17 -0.58 6.35
N ILE B 161 12.10 0.57 7.03
CA ILE B 161 12.71 0.74 8.38
C ILE B 161 11.70 0.38 9.47
N MET B 162 10.50 0.96 9.44
CA MET B 162 9.47 0.63 10.47
C MET B 162 8.08 0.75 9.85
N ASN B 163 7.32 -0.35 9.90
CA ASN B 163 6.00 -0.42 9.26
C ASN B 163 4.89 -0.60 10.29
N THR B 164 5.24 -0.86 11.56
CA THR B 164 4.25 -0.98 12.66
C THR B 164 4.62 -0.03 13.79
N GLY B 165 3.62 0.39 14.57
CA GLY B 165 3.82 1.19 15.80
C GLY B 165 4.82 0.53 16.74
N LEU B 166 4.77 -0.79 16.87
CA LEU B 166 5.66 -1.53 17.80
C LEU B 166 7.11 -1.42 17.31
N GLU B 167 7.34 -1.55 16.00
CA GLU B 167 8.70 -1.39 15.42
CA GLU B 167 8.69 -1.38 15.39
C GLU B 167 9.14 0.07 15.61
N GLY B 168 8.24 1.03 15.38
CA GLY B 168 8.49 2.47 15.59
C GLY B 168 8.93 2.77 17.02
N LEU B 169 8.28 2.15 18.01
CA LEU B 169 8.61 2.39 19.44
C LEU B 169 10.01 1.86 19.75
N ALA B 170 10.39 0.72 19.18
CA ALA B 170 11.75 0.15 19.37
C ALA B 170 12.77 1.11 18.78
N PHE B 171 12.52 1.61 17.56
CA PHE B 171 13.39 2.60 16.90
C PHE B 171 13.50 3.86 17.77
N LEU B 172 12.34 4.38 18.22
CA LEU B 172 12.27 5.58 19.07
C LEU B 172 13.13 5.40 20.33
N ASP B 173 13.03 4.24 20.97
CA ASP B 173 13.77 3.98 22.24
C ASP B 173 15.28 3.96 21.95
N GLU B 174 15.69 3.50 20.76
CA GLU B 174 17.11 3.50 20.30
C GLU B 174 17.56 4.95 20.14
N VAL B 175 16.70 5.81 19.62
CA VAL B 175 17.04 7.26 19.45
C VAL B 175 17.30 7.86 20.83
N ASN B 176 16.44 7.57 21.80
CA ASN B 176 16.67 7.89 23.23
C ASN B 176 16.89 9.39 23.40
N ARG B 177 15.93 10.21 22.98
CA ARG B 177 16.00 11.68 23.13
C ARG B 177 14.66 12.14 23.68
N PRO B 178 14.64 13.11 24.62
CA PRO B 178 13.40 13.53 25.26
C PRO B 178 12.38 14.20 24.32
N ASN B 179 12.84 14.79 23.22
CA ASN B 179 11.98 15.55 22.28
C ASN B 179 11.65 14.73 21.02
N ALA B 180 11.90 13.41 21.04
CA ALA B 180 11.55 12.50 19.94
C ALA B 180 10.32 11.67 20.34
N PHE B 181 9.37 11.55 19.41
CA PHE B 181 8.08 10.84 19.62
C PHE B 181 7.73 9.95 18.43
N LEU B 182 6.76 9.06 18.66
CA LEU B 182 6.13 8.24 17.61
C LEU B 182 5.04 9.07 16.93
N HIS B 183 4.91 8.91 15.63
CA HIS B 183 3.81 9.49 14.80
C HIS B 183 3.08 8.32 14.12
N LEU B 184 1.80 8.17 14.41
CA LEU B 184 0.92 7.12 13.83
C LEU B 184 -0.01 7.75 12.81
N ASP B 185 -0.32 6.99 11.78
CA ASP B 185 -1.15 7.43 10.63
C ASP B 185 -2.14 6.31 10.33
N THR B 186 -3.45 6.56 10.47
CA THR B 186 -4.49 5.51 10.38
C THR B 186 -4.48 4.85 9.00
N TYR B 187 -4.08 5.56 7.94
CA TYR B 187 -4.00 5.00 6.57
C TYR B 187 -2.95 3.90 6.55
N HIS B 188 -1.78 4.17 7.12
CA HIS B 188 -0.65 3.21 7.16
C HIS B 188 -0.98 2.07 8.12
N MET B 189 -1.65 2.37 9.24
CA MET B 189 -2.01 1.36 10.28
C MET B 189 -3.00 0.35 9.68
N ASN B 190 -3.90 0.81 8.81
CA ASN B 190 -4.94 -0.04 8.19
C ASN B 190 -4.29 -1.17 7.39
N ILE B 191 -3.10 -0.91 6.82
CA ILE B 191 -2.35 -1.94 6.05
C ILE B 191 -1.61 -2.86 7.04
N GLU B 192 -0.79 -2.31 7.94
CA GLU B 192 0.30 -3.07 8.59
C GLU B 192 -0.05 -3.59 9.99
N GLU B 193 -1.01 -2.98 10.71
CA GLU B 193 -1.20 -3.24 12.15
C GLU B 193 -2.15 -4.42 12.38
N ASN B 194 -1.96 -5.14 13.49
CA ASN B 194 -2.92 -6.12 14.04
C ASN B 194 -4.00 -5.35 14.81
N GLY B 195 -4.98 -4.78 14.10
CA GLY B 195 -6.03 -3.93 14.68
C GLY B 195 -5.51 -2.53 14.96
N MET B 196 -6.38 -1.62 15.40
CA MET B 196 -6.06 -0.17 15.42
C MET B 196 -5.76 0.32 16.84
N ALA B 197 -5.69 -0.57 17.84
CA ALA B 197 -5.55 -0.18 19.26
C ALA B 197 -4.15 -0.52 19.80
N LYS B 198 -3.60 -1.67 19.42
CA LYS B 198 -2.37 -2.25 20.03
C LYS B 198 -1.24 -1.21 20.09
N SER B 199 -0.93 -0.56 18.96
CA SER B 199 0.25 0.34 18.88
C SER B 199 0.02 1.59 19.74
N VAL B 200 -1.20 2.13 19.73
CA VAL B 200 -1.59 3.33 20.53
C VAL B 200 -1.42 2.99 22.03
N LEU B 201 -1.94 1.84 22.47
CA LEU B 201 -1.90 1.44 23.90
C LEU B 201 -0.43 1.23 24.32
N ALA B 202 0.40 0.67 23.43
CA ALA B 202 1.84 0.41 23.71
C ALA B 202 2.58 1.75 23.82
N ALA B 203 2.22 2.72 22.97
CA ALA B 203 2.94 4.01 22.85
C ALA B 203 2.74 4.82 24.12
N GLY B 204 1.49 4.91 24.61
CA GLY B 204 1.11 5.85 25.68
C GLY B 204 1.72 7.22 25.45
N ASP B 205 2.49 7.73 26.41
CA ASP B 205 3.06 9.09 26.38
C ASP B 205 4.08 9.25 25.23
N ARG B 206 4.50 8.17 24.58
CA ARG B 206 5.49 8.22 23.48
C ARG B 206 4.79 8.63 22.17
N LEU B 207 3.45 8.58 22.14
CA LEU B 207 2.70 9.01 20.92
C LEU B 207 2.61 10.53 20.92
N GLY B 208 3.23 11.19 19.92
CA GLY B 208 3.41 12.66 19.91
C GLY B 208 2.68 13.33 18.75
N TYR B 209 2.14 12.57 17.82
CA TYR B 209 1.53 13.10 16.58
C TYR B 209 0.65 12.03 15.94
N VAL B 210 -0.45 12.46 15.33
CA VAL B 210 -1.43 11.54 14.70
C VAL B 210 -1.84 12.12 13.35
N HIS B 211 -1.89 11.26 12.34
CA HIS B 211 -2.55 11.56 11.05
C HIS B 211 -3.82 10.72 10.96
N ILE B 212 -4.91 11.38 10.58
CA ILE B 212 -6.22 10.71 10.31
C ILE B 212 -6.35 10.67 8.79
N GLY B 213 -6.21 9.47 8.23
CA GLY B 213 -6.44 9.22 6.79
C GLY B 213 -7.34 8.02 6.63
N GLU B 214 -8.26 8.06 5.66
CA GLU B 214 -9.12 6.91 5.31
C GLU B 214 -8.26 5.88 4.57
N SER B 215 -8.75 4.66 4.45
CA SER B 215 -8.02 3.52 3.83
C SER B 215 -7.51 3.91 2.43
N HIS B 216 -8.27 4.73 1.70
CA HIS B 216 -7.96 5.12 0.29
C HIS B 216 -7.47 6.57 0.22
N ARG B 217 -7.28 7.20 1.38
CA ARG B 217 -6.79 8.59 1.55
C ARG B 217 -7.83 9.61 1.05
N GLY B 218 -9.11 9.22 0.98
CA GLY B 218 -10.21 10.11 0.55
C GLY B 218 -11.07 10.59 1.72
N TYR B 219 -12.37 10.77 1.49
CA TYR B 219 -13.35 11.24 2.50
C TYR B 219 -13.33 10.29 3.72
N LEU B 220 -13.28 10.83 4.93
CA LEU B 220 -13.35 9.99 6.17
C LEU B 220 -14.72 9.30 6.23
N GLY B 221 -14.73 8.00 6.52
CA GLY B 221 -15.96 7.23 6.76
C GLY B 221 -16.48 6.58 5.49
N THR B 222 -15.75 6.71 4.38
CA THR B 222 -16.15 6.10 3.08
C THR B 222 -15.25 4.90 2.75
N GLY B 223 -14.33 4.57 3.65
CA GLY B 223 -13.39 3.45 3.43
C GLY B 223 -13.49 2.39 4.51
N ASN B 224 -12.35 1.78 4.83
CA ASN B 224 -12.29 0.53 5.61
C ASN B 224 -11.69 0.76 7.00
N VAL B 225 -11.18 1.95 7.32
CA VAL B 225 -10.44 2.16 8.60
C VAL B 225 -11.43 2.05 9.77
N ASP B 226 -11.07 1.27 10.80
CA ASP B 226 -11.82 1.16 12.08
C ASP B 226 -11.48 2.36 12.98
N PHE B 227 -12.10 3.51 12.73
CA PHE B 227 -11.84 4.75 13.51
C PHE B 227 -12.34 4.58 14.94
N ALA B 228 -13.46 3.86 15.15
CA ALA B 228 -14.03 3.63 16.50
C ALA B 228 -12.95 3.05 17.43
N SER B 229 -12.27 1.98 17.03
CA SER B 229 -11.21 1.31 17.82
C SER B 229 -10.03 2.27 18.05
N PHE B 230 -9.66 3.02 17.02
CA PHE B 230 -8.51 3.94 17.06
C PHE B 230 -8.77 5.04 18.11
N PHE B 231 -9.91 5.71 18.01
CA PHE B 231 -10.25 6.85 18.89
C PHE B 231 -10.49 6.34 20.32
N ALA B 232 -11.03 5.13 20.47
CA ALA B 232 -11.19 4.47 21.79
C ALA B 232 -9.82 4.32 22.46
N ALA B 233 -8.81 3.92 21.69
CA ALA B 233 -7.44 3.72 22.17
C ALA B 233 -6.82 5.08 22.54
N LEU B 234 -7.00 6.11 21.71
CA LEU B 234 -6.47 7.47 22.01
C LEU B 234 -7.06 7.94 23.34
N LYS B 235 -8.35 7.70 23.56
CA LYS B 235 -9.06 8.07 24.82
C LYS B 235 -8.40 7.38 26.01
N GLN B 236 -8.16 6.06 25.87
CA GLN B 236 -7.53 5.20 26.92
C GLN B 236 -6.19 5.79 27.38
N ILE B 237 -5.39 6.37 26.48
CA ILE B 237 -4.04 6.91 26.80
C ILE B 237 -4.13 8.42 27.01
N ASP B 238 -5.34 8.99 26.94
CA ASP B 238 -5.62 10.44 27.12
C ASP B 238 -4.69 11.26 26.22
N TYR B 239 -4.62 10.89 24.95
CA TYR B 239 -3.76 11.57 23.94
C TYR B 239 -4.16 13.04 23.84
N ARG B 240 -3.19 13.94 24.03
CA ARG B 240 -3.38 15.40 23.87
C ARG B 240 -2.23 15.94 23.03
N GLY B 241 -2.30 15.70 21.72
CA GLY B 241 -1.30 16.20 20.77
C GLY B 241 -1.97 16.58 19.46
N PRO B 242 -1.18 16.99 18.46
CA PRO B 242 -1.71 17.31 17.13
C PRO B 242 -2.42 16.12 16.48
N ILE B 243 -3.53 16.42 15.81
CA ILE B 243 -4.29 15.45 14.97
C ILE B 243 -4.51 16.13 13.62
N THR B 244 -3.81 15.68 12.58
CA THR B 244 -3.92 16.24 11.22
C THR B 244 -4.80 15.34 10.34
N PHE B 245 -5.77 15.94 9.66
CA PHE B 245 -6.49 15.29 8.55
C PHE B 245 -5.58 15.28 7.32
N GLU B 246 -5.33 14.11 6.78
CA GLU B 246 -4.45 13.93 5.59
C GLU B 246 -5.26 13.21 4.49
N SER B 247 -5.25 13.78 3.30
CA SER B 247 -6.04 13.26 2.15
C SER B 247 -5.32 13.64 0.86
N PHE B 248 -5.27 12.72 -0.10
CA PHE B 248 -4.64 12.94 -1.42
C PHE B 248 -5.62 12.56 -2.53
N SER B 249 -5.73 13.45 -3.51
CA SER B 249 -6.57 13.26 -4.72
C SER B 249 -5.81 13.81 -5.92
N SER B 250 -5.95 13.19 -7.08
CA SER B 250 -5.32 13.66 -8.34
C SER B 250 -5.86 15.06 -8.67
N GLU B 251 -6.92 15.50 -7.98
CA GLU B 251 -7.48 16.88 -8.09
C GLU B 251 -6.38 17.91 -7.80
N ILE B 252 -5.52 17.64 -6.82
CA ILE B 252 -4.46 18.58 -6.36
C ILE B 252 -3.12 17.82 -6.27
N VAL B 253 -2.19 18.19 -7.15
CA VAL B 253 -0.91 17.46 -7.39
C VAL B 253 0.27 18.31 -6.91
N ASP B 254 1.11 17.74 -6.06
CA ASP B 254 2.50 18.19 -5.79
C ASP B 254 3.41 17.25 -6.58
N PRO B 255 3.97 17.72 -7.71
CA PRO B 255 4.57 16.84 -8.71
C PRO B 255 5.46 15.75 -8.08
N LYS B 256 6.25 16.10 -7.06
CA LYS B 256 7.13 15.14 -6.34
C LYS B 256 6.26 14.22 -5.45
N LEU B 257 5.72 14.77 -4.35
CA LEU B 257 5.04 14.00 -3.29
C LEU B 257 3.93 13.13 -3.89
N SER B 258 3.09 13.68 -4.77
CA SER B 258 1.85 13.00 -5.24
C SER B 258 2.23 11.71 -5.99
N ASN B 259 3.30 11.75 -6.78
CA ASN B 259 3.73 10.59 -7.60
C ASN B 259 4.44 9.58 -6.69
N THR B 260 5.23 10.05 -5.74
CA THR B 260 5.85 9.14 -4.73
C THR B 260 4.75 8.39 -3.98
N LEU B 261 3.64 9.06 -3.69
CA LEU B 261 2.52 8.45 -2.93
C LEU B 261 1.54 7.73 -3.86
N CYS B 262 1.82 7.70 -5.16
CA CYS B 262 1.04 6.93 -6.18
C CYS B 262 -0.43 7.37 -6.13
N VAL B 263 -0.69 8.68 -6.12
CA VAL B 263 -2.06 9.23 -6.05
C VAL B 263 -2.62 9.30 -7.47
N TRP B 264 -3.13 8.18 -7.99
CA TRP B 264 -3.54 8.05 -9.40
C TRP B 264 -4.99 8.50 -9.56
N ARG B 265 -5.75 8.49 -8.47
CA ARG B 265 -7.22 8.54 -8.54
C ARG B 265 -7.74 9.88 -7.98
N ASN B 266 -8.88 10.31 -8.50
CA ASN B 266 -9.68 11.40 -7.92
C ASN B 266 -10.58 10.82 -6.82
N LEU B 267 -10.30 11.14 -5.57
CA LEU B 267 -11.08 10.70 -4.38
C LEU B 267 -11.98 11.86 -3.94
N TRP B 268 -11.76 13.06 -4.49
CA TRP B 268 -12.52 14.30 -4.16
C TRP B 268 -12.16 15.41 -5.14
N HIS B 269 -13.01 16.43 -5.24
CA HIS B 269 -12.78 17.62 -6.11
C HIS B 269 -12.94 18.91 -5.32
N ASP B 270 -13.71 18.89 -4.23
CA ASP B 270 -14.09 20.10 -3.45
C ASP B 270 -13.36 20.07 -2.11
N SER B 271 -12.26 20.80 -2.00
CA SER B 271 -11.35 20.83 -0.83
C SER B 271 -12.14 21.25 0.42
N ASP B 272 -12.97 22.27 0.29
CA ASP B 272 -13.70 22.86 1.45
C ASP B 272 -14.69 21.82 2.00
N ASP B 273 -15.39 21.12 1.12
CA ASP B 273 -16.38 20.09 1.51
C ASP B 273 -15.63 18.94 2.21
N LEU B 274 -14.56 18.45 1.59
CA LEU B 274 -13.73 17.36 2.18
C LEU B 274 -13.24 17.77 3.58
N ALA B 275 -12.61 18.95 3.68
CA ALA B 275 -11.89 19.40 4.89
C ALA B 275 -12.90 19.69 6.00
N GLY B 276 -14.03 20.31 5.66
CA GLY B 276 -15.12 20.60 6.63
C GLY B 276 -15.69 19.32 7.20
N LYS B 277 -16.03 18.36 6.34
CA LYS B 277 -16.61 17.06 6.76
C LYS B 277 -15.58 16.28 7.59
N ALA B 278 -14.30 16.35 7.24
CA ALA B 278 -13.22 15.64 7.97
C ALA B 278 -13.14 16.17 9.40
N LEU B 279 -13.10 17.49 9.57
CA LEU B 279 -12.95 18.09 10.93
C LEU B 279 -14.15 17.69 11.79
N GLU B 280 -15.37 17.76 11.23
CA GLU B 280 -16.62 17.37 11.94
C GLU B 280 -16.52 15.91 12.36
N PHE B 281 -16.05 15.04 11.45
CA PHE B 281 -15.94 13.57 11.65
C PHE B 281 -15.01 13.30 12.84
N ILE B 282 -13.88 14.00 12.87
CA ILE B 282 -12.84 13.80 13.91
C ILE B 282 -13.36 14.32 15.25
N LYS B 283 -13.94 15.52 15.27
CA LYS B 283 -14.39 16.18 16.52
C LYS B 283 -15.59 15.42 17.10
N GLN B 284 -16.40 14.77 16.27
CA GLN B 284 -17.53 13.91 16.71
C GLN B 284 -16.98 12.74 17.55
N ARG B 285 -15.75 12.31 17.26
CA ARG B 285 -15.21 11.03 17.78
C ARG B 285 -14.11 11.26 18.82
N TYR B 286 -13.55 12.47 18.88
CA TYR B 286 -12.41 12.79 19.78
C TYR B 286 -12.34 14.29 20.07
N GLY B 287 -12.56 14.69 21.32
CA GLY B 287 -12.35 16.07 21.79
C GLY B 287 -13.43 16.51 22.76
C1 SOL C . 0.34 -9.02 -5.94
O1 SOL C . 0.25 -8.09 -4.88
C2 SOL C . -0.74 -10.05 -5.85
O2 SOL C . -1.76 -9.83 -5.23
C3 SOL C . -0.51 -11.39 -6.53
O3 SOL C . -1.72 -12.06 -6.75
C4 SOL C . 0.25 -11.23 -7.84
O4 SOL C . -0.52 -10.42 -8.74
C5 SOL C . 0.58 -12.56 -8.54
O5 SOL C . 1.11 -12.29 -9.84
C6 SOL C . 1.55 -13.42 -7.77
O6 SOL C . 1.76 -14.67 -8.45
MN MN D . -3.27 -11.34 -5.24
MG MG E . 4.22 -36.98 -17.31
C1 FZU F . 14.53 -2.74 9.81
O1 FZU F . 15.10 -1.85 10.79
C2 FZU F . 13.34 -3.58 10.32
O2 FZU F . 12.47 -2.81 11.18
C3 FZU F . 13.84 -4.76 11.17
O3 FZU F . 14.79 -5.50 10.40
C4 FZU F . 12.68 -5.67 11.59
O4 FZU F . 13.22 -6.81 12.29
C5 FZU F . 11.87 -6.11 10.37
O5 FZU F . 10.67 -6.78 10.79
C6 FZU F . 11.50 -4.91 9.48
O6 FZU F . 12.63 -4.09 9.17
MN MN G . 0.75 10.68 7.15
C5 LTG H . 4.13 13.77 4.71
C4 LTG H . 3.66 12.39 4.24
O4 LTG H . 4.74 11.74 3.58
C3 LTG H . 3.16 11.48 5.36
O3 LTG H . 2.27 12.15 6.19
O2 LTG H . 1.63 9.67 5.39
C2 LTG H . 2.52 10.22 4.80
O5 LTG H . 5.54 13.78 4.89
C1 LTG H . 3.08 9.66 3.54
O1 LTG H . 2.36 8.53 3.09
C6 LTG H . 3.76 14.85 3.73
O6 LTG H . 4.19 16.13 4.15
#